data_6R3I
#
_entry.id   6R3I
#
_cell.length_a   96.196
_cell.length_b   64.079
_cell.length_c   87.508
_cell.angle_alpha   90.00
_cell.angle_beta   90.00
_cell.angle_gamma   90.00
#
_symmetry.space_group_name_H-M   'P 21 21 2'
#
loop_
_entity.id
_entity.type
_entity.pdbx_description
1 polymer 'Ferulic acid decarboxylase 1'
2 non-polymer 'MANGANESE (II) ION'
3 non-polymer 'POTASSIUM ION'
4 non-polymer 'prFMN cofactor and pentafluorocinnamic acid adduct'
5 water water
#
_entity_poly.entity_id   1
_entity_poly.type   'polypeptide(L)'
_entity_poly.pdbx_seq_one_letter_code
;MSAQPAHLCFRSFVEALKVDNDLVEINTPIDPNLEAAAITRRVCETNDKAPLFNNLIGMKNGLFRILGAPGSLRKSSADR
YGRLARHLALPPTASMREILDKMLSASDMPPIPPTIVPTGPCKENSLDDSEFDLTELPVPLIHKSDGGKYIQTYGMHIVQ
SPDGTWTNWSIARAMVHDKNHLTGLVIPPQHIWQIHQMWKKEGRSDVPWALAFGVPPAAIMASSMPIPDGVTEAGYVGAM
TGSSLELVKCDTNDLYVPATSEIVLEGTLSISETGPEGPFGQMHGYIFPGDTHLGAKYKVNRITYRNNAIMPMSSCGRLT
DETHTMIGSLAAAEIRKLCQQNDLPITDAFAPFESQVTWVALRVDTEKLRAMKTTSEGFRKRVGDVVFNHKAGYTIHRLV
LVGDDIDVYEGKDVLWAFSTRCRPGMDETLFEDVRGFPLIPYMGHGNGPAHRGGKVVSDALMPTEYTTGRNWEAADFNQS
YPEDLKQKVLDNWTKMGFSNLEHHHHHH
;
_entity_poly.pdbx_strand_id   A
#
# COMPACT_ATOMS: atom_id res chain seq x y z
N GLN A 4 -16.42 -3.86 -18.72
CA GLN A 4 -16.35 -4.08 -17.29
C GLN A 4 -16.00 -2.78 -16.52
N PRO A 5 -16.48 -2.57 -15.32
CA PRO A 5 -16.14 -1.36 -14.57
C PRO A 5 -14.68 -1.23 -14.20
N ALA A 6 -14.22 -0.01 -14.06
CA ALA A 6 -12.83 0.27 -13.74
C ALA A 6 -12.32 -0.44 -12.52
N HIS A 7 -13.14 -0.53 -11.45
CA HIS A 7 -12.68 -1.12 -10.23
C HIS A 7 -12.58 -2.64 -10.30
N LEU A 8 -13.18 -3.26 -11.33
CA LEU A 8 -13.21 -4.70 -11.53
C LEU A 8 -12.33 -5.17 -12.66
N CYS A 9 -11.68 -4.31 -13.37
CA CYS A 9 -10.91 -4.71 -14.55
C CYS A 9 -9.80 -3.70 -14.77
N PHE A 10 -8.54 -4.15 -14.71
CA PHE A 10 -7.45 -3.25 -14.88
C PHE A 10 -7.44 -2.55 -16.21
N ARG A 11 -7.80 -3.22 -17.29
CA ARG A 11 -7.82 -2.59 -18.59
C ARG A 11 -8.78 -1.43 -18.61
N SER A 12 -9.95 -1.61 -17.96
CA SER A 12 -10.90 -0.54 -17.85
C SER A 12 -10.42 0.60 -16.95
N PHE A 13 -9.65 0.26 -15.92
CA PHE A 13 -9.03 1.27 -15.07
C PHE A 13 -8.07 2.15 -15.87
N VAL A 14 -7.26 1.55 -16.74
CA VAL A 14 -6.37 2.37 -17.59
C VAL A 14 -7.21 3.33 -18.42
N GLU A 15 -8.28 2.84 -19.04
N GLU A 15 -8.28 2.83 -19.02
CA GLU A 15 -9.23 3.71 -19.77
CA GLU A 15 -9.15 3.67 -19.79
C GLU A 15 -9.73 4.85 -18.93
C GLU A 15 -9.83 4.75 -18.99
N ALA A 16 -10.14 4.51 -17.72
CA ALA A 16 -10.63 5.54 -16.81
C ALA A 16 -9.61 6.62 -16.58
N LEU A 17 -8.35 6.26 -16.36
CA LEU A 17 -7.31 7.26 -16.17
C LEU A 17 -7.20 8.15 -17.43
N LYS A 18 -7.25 7.57 -18.58
N LYS A 18 -7.30 7.51 -18.59
CA LYS A 18 -7.22 8.42 -19.78
CA LYS A 18 -7.24 8.19 -19.92
C LYS A 18 -8.36 9.41 -19.81
C LYS A 18 -8.38 9.21 -20.00
N VAL A 19 -9.55 8.84 -19.73
N VAL A 19 -9.59 8.94 -19.55
CA VAL A 19 -10.73 9.62 -19.69
CA VAL A 19 -10.66 9.88 -19.74
C VAL A 19 -10.62 10.76 -18.73
C VAL A 19 -10.75 10.85 -18.58
N ASP A 20 -10.04 10.54 -17.53
CA ASP A 20 -9.86 11.53 -16.46
C ASP A 20 -8.79 12.58 -16.83
N ASN A 21 -8.11 12.46 -17.97
CA ASN A 21 -6.98 13.31 -18.25
C ASN A 21 -5.90 13.13 -17.16
N ASP A 22 -5.67 11.88 -16.79
CA ASP A 22 -4.75 11.48 -15.72
C ASP A 22 -3.74 10.48 -16.21
N LEU A 23 -3.58 10.35 -17.54
N LEU A 23 -3.38 10.55 -17.49
CA LEU A 23 -2.66 9.41 -18.21
CA LEU A 23 -2.55 9.50 -18.05
C LEU A 23 -1.83 10.18 -19.22
C LEU A 23 -1.88 10.00 -19.31
N VAL A 24 -0.58 9.79 -19.41
CA VAL A 24 0.22 10.13 -20.56
C VAL A 24 0.65 8.89 -21.25
N GLU A 25 0.24 8.72 -22.50
CA GLU A 25 0.63 7.55 -23.30
C GLU A 25 1.95 7.91 -24.04
N ILE A 26 2.94 7.06 -23.88
N ILE A 26 3.00 7.13 -23.79
CA ILE A 26 4.22 7.29 -24.48
CA ILE A 26 4.30 7.28 -24.48
C ILE A 26 4.47 6.18 -25.46
C ILE A 26 4.34 6.15 -25.48
N ASN A 27 4.37 6.53 -26.75
CA ASN A 27 4.29 5.56 -27.85
C ASN A 27 5.66 5.38 -28.58
N THR A 28 6.65 6.18 -28.18
CA THR A 28 8.01 6.01 -28.72
C THR A 28 8.78 5.08 -27.83
N PRO A 29 9.91 4.54 -28.30
CA PRO A 29 10.61 3.50 -27.49
C PRO A 29 11.11 4.03 -26.18
N ILE A 30 10.87 3.29 -25.12
CA ILE A 30 11.37 3.59 -23.78
C ILE A 30 12.12 2.40 -23.26
N ASP A 31 13.26 2.62 -22.63
CA ASP A 31 14.09 1.51 -22.15
C ASP A 31 13.58 1.07 -20.76
N PRO A 32 13.31 -0.22 -20.58
CA PRO A 32 13.01 -0.75 -19.22
C PRO A 32 14.18 -0.65 -18.31
N ASN A 33 15.41 -0.59 -18.85
CA ASN A 33 16.60 -0.38 -18.01
C ASN A 33 16.63 1.10 -17.58
N LEU A 34 16.05 1.35 -16.41
CA LEU A 34 16.01 2.66 -15.72
C LEU A 34 15.13 3.73 -16.32
N GLU A 35 14.98 3.85 -17.63
CA GLU A 35 14.27 5.03 -18.17
C GLU A 35 12.79 5.04 -17.78
N ALA A 36 12.11 3.87 -17.92
CA ALA A 36 10.68 3.85 -17.56
C ALA A 36 10.51 4.25 -16.08
N ALA A 37 11.35 3.67 -15.22
CA ALA A 37 11.27 3.94 -13.78
C ALA A 37 11.67 5.38 -13.45
N ALA A 38 12.62 5.97 -14.20
CA ALA A 38 13.02 7.33 -13.92
C ALA A 38 11.88 8.30 -14.24
N ILE A 39 11.20 8.06 -15.37
CA ILE A 39 10.04 8.88 -15.72
C ILE A 39 8.99 8.73 -14.64
N THR A 40 8.72 7.48 -14.24
CA THR A 40 7.71 7.23 -13.21
C THR A 40 8.11 7.88 -11.88
N ARG A 41 9.37 7.81 -11.52
CA ARG A 41 9.84 8.44 -10.29
C ARG A 41 9.57 9.94 -10.32
N ARG A 42 9.89 10.58 -11.43
N ARG A 42 9.83 10.60 -11.43
CA ARG A 42 9.63 11.99 -11.60
CA ARG A 42 9.58 12.03 -11.47
C ARG A 42 8.17 12.32 -11.48
C ARG A 42 8.10 12.37 -11.50
N VAL A 43 7.31 11.49 -12.10
CA VAL A 43 5.85 11.62 -11.93
C VAL A 43 5.47 11.62 -10.49
N CYS A 44 5.98 10.60 -9.74
CA CYS A 44 5.62 10.45 -8.32
C CYS A 44 6.10 11.61 -7.47
N GLU A 45 7.25 12.16 -7.78
CA GLU A 45 7.78 13.28 -6.99
C GLU A 45 7.10 14.58 -7.32
N THR A 46 6.33 14.67 -8.42
CA THR A 46 5.68 15.89 -8.85
C THR A 46 4.18 15.76 -8.95
N ASN A 47 3.60 14.62 -8.56
CA ASN A 47 2.20 14.37 -8.66
C ASN A 47 1.61 14.51 -10.05
N ASP A 48 2.39 14.14 -11.06
CA ASP A 48 1.95 14.25 -12.46
C ASP A 48 1.04 13.08 -12.88
N LYS A 49 0.61 13.09 -14.13
CA LYS A 49 -0.21 12.08 -14.71
C LYS A 49 0.55 10.73 -14.76
N ALA A 50 -0.21 9.64 -14.66
CA ALA A 50 0.40 8.34 -14.72
C ALA A 50 0.94 8.05 -16.11
N PRO A 51 2.15 7.46 -16.24
CA PRO A 51 2.70 7.13 -17.59
C PRO A 51 2.35 5.78 -18.02
N LEU A 52 1.89 5.63 -19.27
CA LEU A 52 1.64 4.33 -19.93
C LEU A 52 2.69 4.20 -21.05
N PHE A 53 3.57 3.24 -20.87
CA PHE A 53 4.63 3.00 -21.83
C PHE A 53 4.15 1.91 -22.75
N ASN A 54 3.74 2.34 -23.98
CA ASN A 54 3.23 1.46 -25.02
C ASN A 54 4.28 0.86 -25.92
N ASN A 55 5.50 1.28 -25.79
CA ASN A 55 6.59 0.87 -26.72
C ASN A 55 7.82 0.64 -25.90
N LEU A 56 7.90 -0.47 -25.25
N LEU A 56 7.88 -0.44 -25.17
CA LEU A 56 8.93 -0.76 -24.25
CA LEU A 56 9.10 -0.79 -24.39
C LEU A 56 10.04 -1.60 -24.99
C LEU A 56 10.09 -1.52 -25.24
N ILE A 57 11.27 -1.14 -25.04
CA ILE A 57 12.38 -1.82 -25.74
C ILE A 57 12.52 -3.18 -25.10
N GLY A 58 12.44 -4.22 -25.98
CA GLY A 58 12.48 -5.61 -25.51
C GLY A 58 11.18 -6.31 -25.39
N MET A 59 10.04 -5.58 -25.56
N MET A 59 10.13 -5.63 -25.71
CA MET A 59 8.63 -6.13 -25.66
CA MET A 59 8.95 -6.39 -25.72
C MET A 59 8.55 -7.08 -26.83
C MET A 59 9.11 -7.60 -26.63
N LYS A 60 8.14 -8.36 -26.57
CA LYS A 60 7.98 -9.31 -27.67
C LYS A 60 6.77 -10.17 -27.48
N ASN A 61 6.04 -10.51 -28.52
CA ASN A 61 5.00 -11.59 -28.33
C ASN A 61 4.05 -11.01 -27.37
N GLY A 62 3.82 -9.66 -27.27
CA GLY A 62 2.83 -9.11 -26.48
C GLY A 62 3.25 -8.85 -25.07
N LEU A 63 4.44 -9.21 -24.64
CA LEU A 63 4.88 -9.01 -23.24
C LEU A 63 5.96 -7.95 -23.23
N PHE A 64 5.77 -6.74 -22.70
CA PHE A 64 4.54 -6.19 -22.14
C PHE A 64 4.68 -4.68 -22.22
N ARG A 65 3.57 -3.98 -22.06
CA ARG A 65 3.54 -2.52 -21.86
C ARG A 65 3.69 -2.33 -20.33
N ILE A 66 3.94 -1.08 -19.89
CA ILE A 66 4.02 -0.79 -18.47
C ILE A 66 3.12 0.41 -18.15
N LEU A 67 2.37 0.31 -17.05
CA LEU A 67 1.71 1.50 -16.45
C LEU A 67 2.46 1.84 -15.16
N GLY A 68 3.05 3.00 -15.06
CA GLY A 68 3.65 3.45 -13.81
C GLY A 68 2.69 4.24 -12.96
N ALA A 69 3.05 4.35 -11.66
CA ALA A 69 2.34 5.21 -10.73
C ALA A 69 0.85 4.93 -10.66
N PRO A 70 0.42 3.67 -10.59
CA PRO A 70 -1.03 3.40 -10.60
C PRO A 70 -1.81 3.91 -9.42
N GLY A 71 -1.18 4.10 -8.27
CA GLY A 71 -1.85 4.53 -7.05
C GLY A 71 -1.25 5.80 -6.48
N SER A 72 -0.57 6.59 -7.28
CA SER A 72 0.07 7.81 -6.77
C SER A 72 -0.88 9.00 -6.82
N LEU A 73 -0.38 10.16 -6.40
CA LEU A 73 -1.24 11.34 -6.17
C LEU A 73 -1.39 12.18 -7.44
N ARG A 74 -2.56 12.85 -7.48
CA ARG A 74 -2.79 13.89 -8.49
C ARG A 74 -2.41 15.24 -7.92
N LYS A 75 -2.15 16.22 -8.78
CA LYS A 75 -1.59 17.47 -8.38
C LYS A 75 -2.59 18.32 -7.61
N SER A 76 -3.80 18.32 -8.07
N SER A 76 -3.81 18.36 -8.05
CA SER A 76 -4.85 19.17 -7.43
CA SER A 76 -4.84 19.23 -7.39
C SER A 76 -5.28 18.67 -6.04
C SER A 76 -5.39 18.67 -6.13
N SER A 77 -5.65 19.57 -5.18
CA SER A 77 -6.21 19.20 -3.90
C SER A 77 -7.55 18.55 -4.10
N ALA A 78 -8.37 19.02 -5.01
CA ALA A 78 -9.74 18.53 -5.05
C ALA A 78 -9.85 17.06 -5.38
N ASP A 79 -8.98 16.54 -6.26
CA ASP A 79 -8.94 15.12 -6.64
C ASP A 79 -7.63 14.49 -6.35
N ARG A 80 -6.97 14.93 -5.30
CA ARG A 80 -5.67 14.42 -4.88
C ARG A 80 -5.58 12.90 -4.89
N TYR A 81 -6.63 12.25 -4.34
CA TYR A 81 -6.65 10.79 -4.19
C TYR A 81 -7.47 10.14 -5.30
N GLY A 82 -7.67 10.83 -6.44
CA GLY A 82 -8.52 10.25 -7.46
C GLY A 82 -8.10 8.93 -8.02
N ARG A 83 -6.78 8.67 -8.11
CA ARG A 83 -6.37 7.37 -8.61
C ARG A 83 -6.78 6.26 -7.68
N LEU A 84 -6.71 6.53 -6.41
N LEU A 84 -6.74 6.45 -6.34
CA LEU A 84 -7.16 5.58 -5.49
CA LEU A 84 -7.28 5.48 -5.33
C LEU A 84 -8.67 5.39 -5.56
C LEU A 84 -8.78 5.36 -5.39
N ALA A 85 -9.42 6.50 -5.63
CA ALA A 85 -10.89 6.46 -5.78
C ALA A 85 -11.27 5.61 -6.99
N ARG A 86 -10.49 5.67 -8.09
CA ARG A 86 -10.74 4.88 -9.29
C ARG A 86 -10.47 3.41 -9.09
N HIS A 87 -9.77 3.01 -8.05
CA HIS A 87 -9.64 1.58 -7.72
C HIS A 87 -10.94 1.04 -7.07
N LEU A 88 -11.88 1.90 -6.68
CA LEU A 88 -12.91 1.53 -5.74
C LEU A 88 -14.33 1.96 -6.15
N ALA A 89 -14.49 2.53 -7.34
CA ALA A 89 -15.81 3.03 -7.81
C ALA A 89 -16.23 4.25 -7.05
N LEU A 90 -15.35 4.93 -6.35
CA LEU A 90 -15.66 6.17 -5.65
C LEU A 90 -15.51 7.35 -6.54
N PRO A 91 -16.24 8.46 -6.28
CA PRO A 91 -15.99 9.69 -7.02
C PRO A 91 -14.55 10.13 -6.88
N PRO A 92 -13.95 10.77 -7.91
CA PRO A 92 -12.56 11.10 -7.87
C PRO A 92 -12.17 12.16 -6.85
N THR A 93 -13.18 12.88 -6.33
CA THR A 93 -13.04 13.84 -5.25
C THR A 93 -13.15 13.25 -3.85
N ALA A 94 -13.21 11.89 -3.77
CA ALA A 94 -13.34 11.25 -2.45
C ALA A 94 -12.19 11.65 -1.53
N SER A 95 -12.57 11.83 -0.26
CA SER A 95 -11.57 12.08 0.75
C SER A 95 -10.87 10.79 1.18
N MET A 96 -9.75 10.98 1.88
N MET A 96 -9.69 10.92 1.83
CA MET A 96 -9.10 9.86 2.46
CA MET A 96 -9.08 9.73 2.41
C MET A 96 -10.00 9.10 3.39
C MET A 96 -9.98 9.06 3.47
N ARG A 97 -10.77 9.82 4.25
CA ARG A 97 -11.66 9.18 5.14
C ARG A 97 -12.61 8.25 4.38
N GLU A 98 -13.18 8.76 3.26
CA GLU A 98 -14.12 7.96 2.50
C GLU A 98 -13.43 6.76 1.85
N ILE A 99 -12.22 6.89 1.37
CA ILE A 99 -11.50 5.75 0.80
C ILE A 99 -11.23 4.69 1.86
N LEU A 100 -10.78 5.12 3.02
CA LEU A 100 -10.49 4.14 4.10
C LEU A 100 -11.74 3.51 4.64
N ASP A 101 -12.81 4.30 4.76
CA ASP A 101 -14.10 3.70 5.14
C ASP A 101 -14.55 2.64 4.13
N LYS A 102 -14.37 2.90 2.85
CA LYS A 102 -14.73 1.90 1.84
C LYS A 102 -13.90 0.65 2.02
N MET A 103 -12.60 0.78 2.26
CA MET A 103 -11.73 -0.34 2.48
C MET A 103 -12.04 -1.10 3.75
N LEU A 104 -12.62 -0.49 4.77
CA LEU A 104 -13.01 -1.14 6.02
C LEU A 104 -14.46 -1.69 5.95
N SER A 105 -15.23 -1.29 5.00
CA SER A 105 -16.65 -1.60 5.02
C SER A 105 -16.98 -3.09 5.05
N ALA A 106 -16.16 -3.91 4.40
CA ALA A 106 -16.39 -5.33 4.37
C ALA A 106 -16.08 -6.02 5.66
N SER A 107 -15.44 -5.37 6.62
N SER A 107 -15.40 -5.39 6.61
CA SER A 107 -15.11 -5.98 7.88
CA SER A 107 -15.02 -6.06 7.84
C SER A 107 -16.38 -6.26 8.69
C SER A 107 -16.21 -6.71 8.57
N ASP A 108 -17.50 -5.65 8.40
N ASP A 108 -17.28 -5.91 8.55
CA ASP A 108 -18.65 -6.30 9.12
CA ASP A 108 -18.66 -6.03 9.20
C ASP A 108 -19.75 -6.58 8.15
C ASP A 108 -19.60 -6.97 8.41
N MET A 109 -19.30 -7.26 7.13
CA MET A 109 -20.21 -7.86 6.16
C MET A 109 -19.90 -9.34 5.97
N PRO A 110 -20.88 -10.16 5.61
CA PRO A 110 -20.59 -11.54 5.18
C PRO A 110 -19.69 -11.47 3.92
N PRO A 111 -18.67 -12.34 3.81
CA PRO A 111 -17.95 -12.41 2.53
C PRO A 111 -18.86 -12.69 1.38
N ILE A 112 -18.48 -12.31 0.16
CA ILE A 112 -19.12 -12.74 -1.04
C ILE A 112 -18.13 -13.54 -1.82
N PRO A 113 -18.21 -14.89 -1.76
CA PRO A 113 -17.15 -15.72 -2.37
C PRO A 113 -17.13 -15.48 -3.85
N PRO A 114 -15.96 -15.74 -4.45
CA PRO A 114 -15.80 -15.58 -5.89
C PRO A 114 -16.57 -16.58 -6.75
N THR A 115 -16.76 -16.26 -7.97
CA THR A 115 -17.47 -17.12 -8.95
C THR A 115 -16.46 -17.64 -9.93
N ILE A 116 -16.47 -18.96 -10.20
CA ILE A 116 -15.57 -19.57 -11.15
C ILE A 116 -16.18 -19.45 -12.53
N VAL A 117 -15.49 -18.97 -13.51
CA VAL A 117 -15.84 -18.94 -14.90
C VAL A 117 -14.87 -19.70 -15.73
N PRO A 118 -15.30 -20.22 -16.91
CA PRO A 118 -14.42 -21.13 -17.67
C PRO A 118 -13.26 -20.50 -18.32
N THR A 119 -13.36 -19.20 -18.63
CA THR A 119 -12.18 -18.57 -19.33
C THR A 119 -12.31 -17.02 -19.08
N GLY A 120 -11.30 -16.33 -19.54
CA GLY A 120 -11.28 -14.91 -19.53
C GLY A 120 -10.17 -14.36 -20.29
N PRO A 121 -10.03 -13.01 -20.34
CA PRO A 121 -8.99 -12.44 -21.14
C PRO A 121 -7.54 -12.85 -20.79
N CYS A 122 -7.32 -13.22 -19.52
CA CYS A 122 -5.99 -13.65 -19.13
C CYS A 122 -5.54 -14.93 -19.75
N LYS A 123 -6.44 -15.62 -20.52
CA LYS A 123 -6.14 -16.82 -21.25
C LYS A 123 -5.93 -16.58 -22.68
N GLU A 124 -5.90 -15.36 -23.15
CA GLU A 124 -5.78 -15.07 -24.61
C GLU A 124 -4.46 -15.58 -25.15
N ASN A 125 -3.36 -15.66 -24.38
CA ASN A 125 -2.10 -16.10 -24.85
C ASN A 125 -1.46 -16.94 -23.71
N SER A 126 -0.61 -17.90 -24.09
CA SER A 126 0.09 -18.64 -23.12
C SER A 126 1.50 -19.00 -23.61
N LEU A 127 2.41 -19.21 -22.67
CA LEU A 127 3.80 -19.67 -22.93
C LEU A 127 4.09 -20.74 -21.93
N ASP A 128 4.50 -21.96 -22.41
CA ASP A 128 4.90 -22.99 -21.54
C ASP A 128 6.43 -22.78 -21.25
N ASP A 129 6.82 -23.92 -20.55
N ASP A 129 7.10 -23.61 -20.47
CA ASP A 129 8.14 -24.19 -19.95
CA ASP A 129 8.42 -23.15 -20.02
C ASP A 129 9.35 -24.21 -20.87
C ASP A 129 9.49 -23.37 -21.03
N SER A 130 9.11 -24.08 -22.15
CA SER A 130 10.04 -24.16 -23.28
C SER A 130 9.91 -22.95 -24.14
N GLU A 131 8.91 -22.06 -23.86
CA GLU A 131 8.75 -20.92 -24.66
C GLU A 131 9.02 -19.58 -24.07
N PHE A 132 9.07 -19.44 -22.76
CA PHE A 132 9.41 -18.16 -22.17
C PHE A 132 10.80 -18.22 -21.54
N ASP A 133 11.29 -16.97 -21.33
CA ASP A 133 12.55 -16.80 -20.60
C ASP A 133 12.44 -15.46 -19.88
N LEU A 134 12.35 -15.51 -18.57
CA LEU A 134 12.13 -14.24 -17.82
C LEU A 134 13.20 -13.24 -18.01
N THR A 135 14.43 -13.71 -18.32
CA THR A 135 15.53 -12.82 -18.58
C THR A 135 15.44 -12.11 -19.91
N GLU A 136 14.58 -12.56 -20.79
CA GLU A 136 14.41 -11.93 -22.11
C GLU A 136 13.24 -10.96 -22.14
N LEU A 137 12.34 -10.96 -21.14
CA LEU A 137 11.28 -10.04 -21.12
C LEU A 137 11.80 -8.65 -20.73
N PRO A 138 11.05 -7.60 -21.00
CA PRO A 138 11.46 -6.21 -20.71
C PRO A 138 11.21 -5.80 -19.24
N VAL A 139 11.69 -6.63 -18.34
CA VAL A 139 11.52 -6.39 -16.94
C VAL A 139 12.33 -5.14 -16.54
N PRO A 140 11.76 -4.21 -15.78
CA PRO A 140 12.48 -3.01 -15.49
C PRO A 140 13.58 -3.18 -14.47
N LEU A 141 14.65 -2.40 -14.67
CA LEU A 141 15.56 -2.04 -13.56
C LEU A 141 15.03 -0.71 -13.02
N ILE A 142 14.58 -0.73 -11.78
CA ILE A 142 13.79 0.41 -11.23
C ILE A 142 14.67 1.47 -10.60
N HIS A 143 15.75 1.10 -9.91
CA HIS A 143 16.71 2.02 -9.32
C HIS A 143 18.09 1.51 -9.74
N LYS A 144 19.04 2.46 -9.93
N LYS A 144 19.07 2.43 -9.95
CA LYS A 144 20.30 2.06 -10.51
CA LYS A 144 20.34 1.92 -10.53
C LYS A 144 21.10 1.09 -9.69
C LYS A 144 21.06 0.94 -9.68
N SER A 145 20.93 1.01 -8.34
CA SER A 145 21.60 0.13 -7.48
C SER A 145 20.78 -1.11 -7.06
N ASP A 146 19.62 -1.33 -7.65
CA ASP A 146 18.85 -2.51 -7.30
C ASP A 146 19.63 -3.78 -7.58
N GLY A 147 19.35 -4.82 -6.80
CA GLY A 147 20.02 -6.10 -7.00
C GLY A 147 19.46 -7.01 -8.03
N GLY A 148 18.47 -6.56 -8.78
CA GLY A 148 17.86 -7.35 -9.83
C GLY A 148 16.78 -6.55 -10.50
N LYS A 149 16.17 -7.15 -11.51
N LYS A 149 16.21 -7.15 -11.55
CA LYS A 149 15.12 -6.49 -12.23
CA LYS A 149 15.10 -6.60 -12.31
C LYS A 149 13.79 -6.91 -11.65
C LYS A 149 13.82 -6.98 -11.59
N TYR A 150 13.16 -5.93 -10.99
CA TYR A 150 11.96 -6.18 -10.16
C TYR A 150 10.75 -6.21 -11.01
N ILE A 151 10.41 -7.39 -11.54
CA ILE A 151 9.21 -7.67 -12.31
C ILE A 151 7.99 -7.40 -11.44
N GLN A 152 8.09 -7.68 -10.14
CA GLN A 152 6.90 -7.68 -9.26
C GLN A 152 7.01 -6.56 -8.23
N THR A 153 6.26 -5.49 -8.55
CA THR A 153 6.05 -4.40 -7.66
C THR A 153 4.56 -4.07 -7.47
N TYR A 154 3.64 -4.62 -8.29
CA TYR A 154 2.24 -4.24 -8.16
C TYR A 154 1.34 -5.38 -8.61
N GLY A 155 1.83 -6.61 -8.67
CA GLY A 155 1.02 -7.75 -8.82
C GLY A 155 0.62 -8.39 -7.52
N MET A 156 -0.26 -9.35 -7.59
CA MET A 156 -0.83 -10.03 -6.46
C MET A 156 -0.38 -11.48 -6.39
N HIS A 157 0.32 -11.84 -5.34
CA HIS A 157 0.62 -13.25 -5.05
C HIS A 157 -0.60 -13.92 -4.51
N ILE A 158 -0.83 -15.16 -4.99
CA ILE A 158 -1.97 -16.00 -4.58
C ILE A 158 -1.38 -17.28 -4.01
N VAL A 159 -1.61 -17.54 -2.73
CA VAL A 159 -1.25 -18.80 -2.08
C VAL A 159 -2.38 -19.19 -1.18
N GLN A 160 -2.53 -20.52 -0.96
CA GLN A 160 -3.60 -21.08 -0.19
C GLN A 160 -3.06 -21.96 0.92
N SER A 161 -3.69 -21.96 2.07
CA SER A 161 -3.32 -22.86 3.15
C SER A 161 -3.41 -24.30 2.72
N PRO A 162 -2.59 -25.18 3.27
CA PRO A 162 -2.65 -26.62 2.91
C PRO A 162 -4.06 -27.19 3.01
N ASP A 163 -4.83 -26.78 3.99
CA ASP A 163 -6.19 -27.34 4.20
C ASP A 163 -7.19 -26.74 3.24
N GLY A 164 -6.85 -25.74 2.44
CA GLY A 164 -7.76 -25.15 1.49
C GLY A 164 -8.66 -24.07 2.01
N THR A 165 -8.65 -23.82 3.29
CA THR A 165 -9.61 -22.94 3.89
C THR A 165 -9.35 -21.44 3.79
N TRP A 166 -8.13 -21.06 3.42
CA TRP A 166 -7.74 -19.66 3.35
C TRP A 166 -6.92 -19.49 2.10
N THR A 167 -7.39 -18.57 1.22
CA THR A 167 -6.63 -18.15 0.05
C THR A 167 -6.24 -16.68 0.25
N ASN A 168 -4.94 -16.41 0.31
CA ASN A 168 -4.45 -15.07 0.54
C ASN A 168 -4.01 -14.43 -0.74
N TRP A 169 -4.36 -13.12 -0.87
CA TRP A 169 -3.90 -12.23 -1.92
C TRP A 169 -3.08 -11.09 -1.29
N SER A 170 -1.84 -10.91 -1.77
CA SER A 170 -1.02 -9.86 -1.18
C SER A 170 0.06 -9.42 -2.19
N ILE A 171 0.54 -8.20 -1.99
CA ILE A 171 1.70 -7.70 -2.71
C ILE A 171 2.96 -8.00 -1.88
N ALA A 172 3.96 -8.56 -2.50
CA ALA A 172 5.34 -8.66 -1.94
C ALA A 172 6.30 -8.60 -3.13
N ARG A 173 7.43 -7.91 -2.99
CA ARG A 173 8.32 -7.69 -4.13
C ARG A 173 8.94 -9.01 -4.59
N ALA A 174 9.27 -9.03 -5.88
CA ALA A 174 10.06 -10.17 -6.44
C ALA A 174 10.79 -9.67 -7.68
N MET A 175 11.97 -10.28 -7.87
CA MET A 175 12.88 -9.96 -8.97
C MET A 175 13.24 -11.29 -9.70
N VAL A 176 13.66 -11.04 -10.98
CA VAL A 176 14.07 -12.18 -11.81
C VAL A 176 15.40 -12.81 -11.28
N HIS A 177 15.40 -14.08 -11.08
CA HIS A 177 16.59 -14.85 -10.73
C HIS A 177 17.23 -15.50 -11.96
N ASP A 178 16.43 -16.15 -12.78
CA ASP A 178 16.92 -16.81 -14.02
C ASP A 178 15.78 -16.99 -14.92
N LYS A 179 15.95 -17.75 -16.04
CA LYS A 179 14.88 -17.89 -17.02
C LYS A 179 13.53 -18.34 -16.48
N ASN A 180 13.54 -19.08 -15.45
CA ASN A 180 12.24 -19.60 -14.91
C ASN A 180 12.09 -19.49 -13.39
N HIS A 181 12.81 -18.55 -12.76
CA HIS A 181 12.66 -18.37 -11.34
C HIS A 181 12.71 -16.87 -10.98
N LEU A 182 11.99 -16.59 -9.88
CA LEU A 182 12.08 -15.28 -9.19
C LEU A 182 12.66 -15.50 -7.82
N THR A 183 13.22 -14.44 -7.22
CA THR A 183 13.41 -14.41 -5.80
C THR A 183 12.64 -13.24 -5.22
N GLY A 184 12.23 -13.32 -3.98
CA GLY A 184 11.45 -12.22 -3.38
C GLY A 184 11.45 -12.25 -1.86
N LEU A 185 10.84 -11.23 -1.29
N LEU A 185 10.79 -11.29 -1.29
CA LEU A 185 10.63 -11.15 0.17
CA LEU A 185 10.83 -11.06 0.13
C LEU A 185 9.47 -11.94 0.62
C LEU A 185 9.61 -11.71 0.76
N VAL A 186 9.77 -12.75 1.59
CA VAL A 186 8.69 -13.50 2.27
C VAL A 186 9.07 -13.46 3.76
N ILE A 187 8.51 -12.56 4.55
CA ILE A 187 8.96 -12.28 5.92
C ILE A 187 7.83 -12.24 6.89
N PRO A 188 8.09 -12.63 8.14
CA PRO A 188 7.06 -12.56 9.17
C PRO A 188 6.73 -11.11 9.47
N PRO A 189 5.51 -10.77 9.83
CA PRO A 189 4.34 -11.66 10.07
C PRO A 189 3.40 -11.77 8.86
N GLN A 190 3.92 -11.48 7.67
CA GLN A 190 3.06 -11.36 6.49
C GLN A 190 2.34 -12.64 6.18
N HIS A 191 1.14 -12.56 5.60
CA HIS A 191 0.37 -13.74 5.34
C HIS A 191 1.04 -14.68 4.35
N ILE A 192 1.75 -14.21 3.36
CA ILE A 192 2.47 -15.11 2.44
C ILE A 192 3.46 -15.93 3.24
N TRP A 193 4.13 -15.31 4.23
CA TRP A 193 5.04 -16.05 5.11
C TRP A 193 4.30 -17.00 6.03
N GLN A 194 3.16 -16.58 6.58
CA GLN A 194 2.43 -17.49 7.46
C GLN A 194 1.98 -18.74 6.71
N ILE A 195 1.49 -18.56 5.49
CA ILE A 195 1.09 -19.73 4.66
C ILE A 195 2.30 -20.51 4.27
N HIS A 196 3.38 -19.91 3.86
N HIS A 196 3.39 -19.91 3.85
CA HIS A 196 4.55 -20.65 3.57
CA HIS A 196 4.62 -20.62 3.55
C HIS A 196 4.95 -21.56 4.75
C HIS A 196 5.03 -21.54 4.70
N GLN A 197 4.92 -21.04 5.96
CA GLN A 197 5.29 -21.83 7.12
C GLN A 197 4.39 -23.05 7.24
N MET A 198 3.10 -22.93 6.95
CA MET A 198 2.23 -24.08 7.06
C MET A 198 2.68 -25.15 6.08
N TRP A 199 3.01 -24.82 4.87
CA TRP A 199 3.51 -25.80 3.88
C TRP A 199 4.87 -26.36 4.35
N LYS A 200 5.68 -25.56 4.97
N LYS A 200 5.77 -25.55 4.83
CA LYS A 200 7.02 -26.07 5.33
CA LYS A 200 7.08 -26.11 5.39
C LYS A 200 6.86 -27.09 6.44
C LYS A 200 6.78 -27.16 6.46
N LYS A 201 5.94 -26.85 7.40
CA LYS A 201 5.67 -27.79 8.46
C LYS A 201 5.06 -29.05 7.98
N GLU A 202 4.20 -29.01 6.98
CA GLU A 202 3.67 -30.27 6.36
C GLU A 202 4.80 -30.99 5.67
N GLY A 203 5.73 -30.30 5.04
CA GLY A 203 6.94 -30.89 4.53
C GLY A 203 6.89 -31.68 3.29
N ARG A 204 5.75 -31.80 2.63
CA ARG A 204 5.52 -32.72 1.48
C ARG A 204 5.74 -32.05 0.18
N SER A 205 5.40 -30.80 -0.05
N SER A 205 5.52 -30.76 0.01
CA SER A 205 5.63 -30.19 -1.38
CA SER A 205 5.23 -30.16 -1.33
C SER A 205 5.79 -28.73 -1.31
C SER A 205 5.71 -28.70 -1.32
N ASP A 206 6.33 -28.21 -2.40
CA ASP A 206 6.43 -26.75 -2.59
C ASP A 206 5.01 -26.17 -2.62
N VAL A 207 4.92 -24.86 -2.41
CA VAL A 207 3.60 -24.20 -2.31
C VAL A 207 3.07 -23.92 -3.68
N PRO A 208 1.88 -24.42 -4.06
CA PRO A 208 1.27 -23.99 -5.29
C PRO A 208 1.11 -22.45 -5.26
N TRP A 209 1.41 -21.81 -6.35
CA TRP A 209 1.49 -20.34 -6.39
C TRP A 209 1.07 -19.81 -7.68
N ALA A 210 0.50 -18.60 -7.67
CA ALA A 210 0.32 -17.82 -8.86
C ALA A 210 0.62 -16.33 -8.50
N LEU A 211 1.03 -15.60 -9.51
CA LEU A 211 1.27 -14.14 -9.37
C LEU A 211 0.55 -13.50 -10.54
N ALA A 212 -0.45 -12.68 -10.23
CA ALA A 212 -1.28 -12.06 -11.21
C ALA A 212 -1.02 -10.56 -11.24
N PHE A 213 -0.67 -10.05 -12.40
CA PHE A 213 -0.38 -8.64 -12.61
C PHE A 213 -1.54 -7.98 -13.30
N GLY A 214 -1.83 -6.73 -12.98
CA GLY A 214 -2.96 -6.09 -13.61
C GLY A 214 -4.26 -6.72 -13.26
N VAL A 215 -4.46 -6.95 -11.97
CA VAL A 215 -5.68 -7.52 -11.43
C VAL A 215 -6.74 -6.44 -11.25
N PRO A 216 -7.96 -6.82 -10.92
CA PRO A 216 -8.98 -5.80 -10.61
C PRO A 216 -8.47 -4.82 -9.63
N PRO A 217 -8.61 -3.53 -9.84
CA PRO A 217 -8.09 -2.56 -8.89
C PRO A 217 -8.59 -2.73 -7.49
N ALA A 218 -9.86 -3.11 -7.31
CA ALA A 218 -10.32 -3.26 -5.94
C ALA A 218 -9.57 -4.41 -5.23
N ALA A 219 -9.19 -5.44 -5.98
CA ALA A 219 -8.39 -6.52 -5.48
C ALA A 219 -6.98 -6.13 -5.10
N ILE A 220 -6.31 -5.29 -5.89
CA ILE A 220 -4.96 -4.90 -5.51
C ILE A 220 -4.96 -4.03 -4.27
N MET A 221 -6.07 -3.27 -4.06
N MET A 221 -6.04 -3.22 -4.08
CA MET A 221 -6.16 -2.51 -2.80
CA MET A 221 -6.20 -2.48 -2.79
C MET A 221 -6.25 -3.43 -1.58
C MET A 221 -6.26 -3.42 -1.59
N ALA A 222 -7.13 -4.47 -1.67
CA ALA A 222 -7.16 -5.42 -0.54
C ALA A 222 -5.87 -6.17 -0.41
N SER A 223 -5.17 -6.44 -1.53
CA SER A 223 -3.87 -7.11 -1.49
C SER A 223 -2.89 -6.35 -0.65
N SER A 224 -2.99 -5.02 -0.61
N SER A 224 -2.98 -5.02 -0.60
CA SER A 224 -2.12 -4.13 0.10
CA SER A 224 -2.08 -4.16 0.12
C SER A 224 -2.52 -3.80 1.51
C SER A 224 -2.51 -3.81 1.51
N MET A 225 -3.64 -4.40 1.96
CA MET A 225 -4.21 -4.11 3.30
C MET A 225 -4.05 -5.24 4.22
N PRO A 226 -3.75 -5.01 5.49
CA PRO A 226 -3.60 -6.11 6.47
C PRO A 226 -4.93 -6.52 7.09
N ILE A 227 -5.82 -7.05 6.24
CA ILE A 227 -7.08 -7.64 6.76
C ILE A 227 -6.71 -8.84 7.60
N PRO A 228 -7.64 -9.35 8.43
CA PRO A 228 -7.24 -10.31 9.43
C PRO A 228 -6.70 -11.66 8.91
N ASP A 229 -5.92 -12.30 9.79
CA ASP A 229 -5.48 -13.66 9.56
C ASP A 229 -6.64 -14.55 9.16
N GLY A 230 -6.45 -15.43 8.21
CA GLY A 230 -7.46 -16.43 7.87
C GLY A 230 -8.55 -15.89 6.99
N VAL A 231 -8.56 -14.61 6.63
CA VAL A 231 -9.64 -14.04 5.81
C VAL A 231 -9.21 -14.04 4.35
N THR A 232 -9.98 -14.68 3.49
CA THR A 232 -9.72 -14.74 2.10
C THR A 232 -10.02 -13.42 1.45
N GLU A 233 -9.01 -12.75 0.89
CA GLU A 233 -9.22 -11.41 0.32
C GLU A 233 -10.28 -11.43 -0.73
N ALA A 234 -10.42 -12.47 -1.55
CA ALA A 234 -11.41 -12.44 -2.61
C ALA A 234 -12.82 -12.21 -2.09
N GLY A 235 -13.17 -12.81 -0.98
CA GLY A 235 -14.51 -12.64 -0.40
C GLY A 235 -14.71 -11.32 0.26
N TYR A 236 -13.63 -10.72 0.79
CA TYR A 236 -13.64 -9.38 1.33
C TYR A 236 -13.86 -8.37 0.25
N VAL A 237 -13.12 -8.49 -0.85
CA VAL A 237 -13.33 -7.63 -2.00
C VAL A 237 -14.72 -7.80 -2.59
N GLY A 238 -15.22 -9.02 -2.67
CA GLY A 238 -16.60 -9.24 -3.07
C GLY A 238 -17.57 -8.46 -2.24
N ALA A 239 -17.44 -8.55 -0.90
CA ALA A 239 -18.33 -7.82 -0.04
C ALA A 239 -18.20 -6.35 -0.18
N MET A 240 -16.96 -5.81 -0.18
N MET A 240 -16.97 -5.83 -0.36
CA MET A 240 -16.71 -4.38 -0.42
CA MET A 240 -16.74 -4.38 -0.43
C MET A 240 -17.40 -3.87 -1.65
C MET A 240 -17.29 -3.81 -1.73
N THR A 241 -17.26 -4.56 -2.78
CA THR A 241 -17.75 -4.09 -4.06
C THR A 241 -19.19 -4.48 -4.28
N GLY A 242 -19.74 -5.33 -3.47
CA GLY A 242 -21.10 -5.81 -3.66
C GLY A 242 -21.29 -6.80 -4.72
N SER A 243 -20.25 -7.38 -5.23
CA SER A 243 -20.29 -8.39 -6.29
C SER A 243 -19.32 -9.45 -6.18
N SER A 244 -19.63 -10.63 -6.62
CA SER A 244 -18.70 -11.74 -6.59
C SER A 244 -17.65 -11.56 -7.69
N LEU A 245 -16.38 -11.68 -7.31
CA LEU A 245 -15.32 -11.57 -8.34
C LEU A 245 -15.29 -12.80 -9.26
N GLU A 246 -15.08 -12.63 -10.52
CA GLU A 246 -14.98 -13.72 -11.47
C GLU A 246 -13.52 -14.21 -11.58
N LEU A 247 -13.29 -15.46 -11.30
CA LEU A 247 -11.95 -16.07 -11.33
C LEU A 247 -11.90 -17.21 -12.32
N VAL A 248 -10.79 -17.38 -13.01
N VAL A 248 -10.71 -17.61 -12.68
CA VAL A 248 -10.50 -18.59 -13.80
CA VAL A 248 -10.58 -18.68 -13.64
C VAL A 248 -9.47 -19.50 -13.08
C VAL A 248 -9.40 -19.50 -13.18
N LYS A 249 -9.53 -20.81 -13.34
CA LYS A 249 -8.48 -21.69 -12.83
C LYS A 249 -7.18 -21.50 -13.60
N CYS A 250 -6.06 -21.60 -12.86
CA CYS A 250 -4.77 -21.74 -13.50
C CYS A 250 -4.73 -23.01 -14.38
N ASP A 251 -3.88 -23.03 -15.33
CA ASP A 251 -3.72 -24.23 -16.18
C ASP A 251 -2.94 -25.32 -15.55
N THR A 252 -1.93 -25.02 -14.75
CA THR A 252 -1.02 -25.95 -14.20
C THR A 252 -1.19 -26.24 -12.73
N ASN A 253 -2.12 -25.55 -12.04
CA ASN A 253 -2.45 -25.83 -10.66
C ASN A 253 -3.91 -25.48 -10.46
N ASP A 254 -4.40 -25.69 -9.24
CA ASP A 254 -5.77 -25.51 -8.95
C ASP A 254 -6.09 -24.21 -8.26
N LEU A 255 -5.17 -23.23 -8.30
CA LEU A 255 -5.48 -21.90 -7.85
C LEU A 255 -6.33 -21.16 -8.87
N TYR A 256 -6.99 -20.08 -8.43
CA TYR A 256 -7.86 -19.32 -9.25
C TYR A 256 -7.41 -17.84 -9.33
N VAL A 257 -7.36 -17.28 -10.52
CA VAL A 257 -6.87 -15.94 -10.74
C VAL A 257 -7.98 -15.09 -11.30
N PRO A 258 -7.91 -13.74 -11.12
CA PRO A 258 -8.94 -12.92 -11.74
C PRO A 258 -8.97 -13.11 -13.22
N ALA A 259 -10.23 -13.20 -13.76
CA ALA A 259 -10.42 -13.51 -15.19
C ALA A 259 -9.78 -12.52 -16.11
N THR A 260 -9.77 -11.22 -15.71
CA THR A 260 -9.21 -10.17 -16.51
C THR A 260 -7.76 -9.79 -16.17
N SER A 261 -7.06 -10.63 -15.40
CA SER A 261 -5.67 -10.35 -15.10
C SER A 261 -4.90 -10.10 -16.41
N GLU A 262 -4.01 -9.10 -16.41
CA GLU A 262 -3.19 -8.82 -17.58
C GLU A 262 -2.19 -9.92 -17.87
N ILE A 263 -1.49 -10.37 -16.82
CA ILE A 263 -0.41 -11.35 -16.94
C ILE A 263 -0.47 -12.24 -15.76
N VAL A 264 -0.37 -13.55 -15.90
CA VAL A 264 -0.36 -14.49 -14.85
C VAL A 264 0.87 -15.41 -14.91
N LEU A 265 1.61 -15.48 -13.82
CA LEU A 265 2.66 -16.52 -13.66
C LEU A 265 2.11 -17.61 -12.84
N GLU A 266 2.31 -18.89 -13.21
CA GLU A 266 1.86 -20.05 -12.45
C GLU A 266 3.11 -20.83 -11.99
N GLY A 267 3.18 -21.33 -10.80
CA GLY A 267 4.30 -22.17 -10.47
C GLY A 267 4.25 -22.51 -9.03
N THR A 268 5.43 -22.50 -8.39
CA THR A 268 5.57 -22.91 -6.99
C THR A 268 6.50 -21.98 -6.23
N LEU A 269 6.21 -21.82 -4.95
CA LEU A 269 7.09 -21.13 -4.02
C LEU A 269 7.78 -22.23 -3.22
N SER A 270 9.10 -22.26 -3.29
CA SER A 270 9.83 -23.42 -2.68
C SER A 270 9.72 -23.39 -1.19
N ILE A 271 9.59 -24.61 -0.59
CA ILE A 271 9.73 -24.75 0.84
C ILE A 271 11.14 -25.05 1.29
N SER A 272 12.09 -25.14 0.33
CA SER A 272 13.48 -25.46 0.63
C SER A 272 14.55 -24.55 0.06
N GLU A 273 14.32 -24.00 -1.10
CA GLU A 273 15.37 -23.29 -1.84
C GLU A 273 15.25 -21.79 -1.59
N THR A 274 16.35 -21.09 -1.68
CA THR A 274 16.46 -19.70 -1.61
C THR A 274 17.39 -19.19 -2.67
N GLY A 275 17.44 -17.88 -2.94
CA GLY A 275 18.42 -17.31 -3.81
C GLY A 275 18.63 -15.86 -3.51
N PRO A 276 19.66 -15.23 -4.09
CA PRO A 276 19.96 -13.84 -3.80
C PRO A 276 18.78 -12.95 -4.13
N GLU A 277 18.53 -12.01 -3.25
CA GLU A 277 17.42 -11.10 -3.42
C GLU A 277 17.81 -9.73 -2.88
N GLY A 278 17.38 -8.67 -3.56
CA GLY A 278 17.68 -7.35 -3.15
C GLY A 278 19.12 -6.94 -3.44
N PRO A 279 19.47 -5.70 -3.17
CA PRO A 279 18.64 -4.71 -2.48
C PRO A 279 17.55 -4.10 -3.42
N PHE A 280 16.41 -3.71 -2.69
N PHE A 280 16.71 -3.27 -2.90
CA PHE A 280 15.36 -2.87 -3.26
CA PHE A 280 15.71 -2.64 -3.72
C PHE A 280 15.08 -1.72 -2.29
C PHE A 280 15.43 -1.30 -3.16
N GLY A 281 13.91 -1.05 -2.41
N GLY A 281 15.43 -0.29 -3.97
CA GLY A 281 13.61 0.09 -1.49
CA GLY A 281 15.07 1.04 -3.51
C GLY A 281 12.25 0.68 -1.53
C GLY A 281 13.61 1.09 -3.08
N GLN A 282 11.56 0.89 -0.32
N GLN A 282 13.35 1.41 -1.86
CA GLN A 282 10.03 0.86 -0.04
CA GLN A 282 11.90 1.33 -1.34
C GLN A 282 9.63 2.23 0.38
C GLN A 282 11.41 2.36 -0.51
N MET A 283 8.65 2.30 1.31
N MET A 283 10.30 2.01 0.21
CA MET A 283 8.34 3.74 1.61
CA MET A 283 9.20 2.84 0.76
C MET A 283 9.44 4.62 2.23
C MET A 283 9.81 4.10 1.64
N HIS A 284 10.73 3.99 2.53
CA HIS A 284 11.48 4.89 3.34
C HIS A 284 12.37 5.79 2.54
N GLY A 285 12.65 5.45 1.29
CA GLY A 285 13.45 6.30 0.42
C GLY A 285 14.89 5.94 0.24
N TYR A 286 15.31 4.72 0.44
CA TYR A 286 16.73 4.34 0.45
C TYR A 286 16.97 3.14 -0.39
N ILE A 287 18.16 3.07 -1.01
N ILE A 287 18.19 3.00 -0.89
CA ILE A 287 18.73 1.85 -1.58
CA ILE A 287 18.76 1.73 -1.31
C ILE A 287 20.15 1.68 -0.95
C ILE A 287 20.16 1.66 -0.75
N PHE A 288 20.46 0.55 -0.27
CA PHE A 288 21.76 0.23 0.34
C PHE A 288 22.51 -0.66 -0.68
N PRO A 289 23.32 -0.11 -1.60
N PRO A 289 23.36 -0.15 -1.53
CA PRO A 289 23.94 -0.95 -2.66
CA PRO A 289 23.99 -0.98 -2.59
C PRO A 289 24.71 -2.05 -2.10
C PRO A 289 24.59 -2.27 -2.17
N GLY A 290 24.53 -3.24 -2.70
N GLY A 290 25.08 -2.37 -0.93
CA GLY A 290 25.22 -4.40 -2.33
CA GLY A 290 25.83 -3.58 -0.57
C GLY A 290 24.52 -5.20 -1.22
C GLY A 290 24.83 -4.71 -0.17
N ASP A 291 23.46 -4.67 -0.55
CA ASP A 291 22.81 -5.35 0.57
C ASP A 291 21.84 -6.44 0.04
N THR A 292 22.43 -7.51 -0.40
CA THR A 292 21.78 -8.72 -0.92
C THR A 292 21.71 -9.77 0.19
N HIS A 293 20.60 -10.49 0.23
CA HIS A 293 20.41 -11.53 1.22
C HIS A 293 19.63 -12.62 0.62
N LEU A 294 19.65 -13.81 1.10
CA LEU A 294 18.86 -14.93 0.61
C LEU A 294 17.38 -14.63 0.80
N GLY A 295 16.63 -14.76 -0.29
CA GLY A 295 15.16 -14.63 -0.27
C GLY A 295 14.52 -15.89 -0.72
N ALA A 296 13.20 -15.91 -0.63
CA ALA A 296 12.37 -16.95 -1.14
C ALA A 296 12.55 -17.13 -2.62
N LYS A 297 12.37 -18.33 -3.11
CA LYS A 297 12.58 -18.64 -4.51
C LYS A 297 11.32 -19.24 -5.09
N TYR A 298 10.88 -18.68 -6.21
CA TYR A 298 9.66 -19.09 -6.93
C TYR A 298 10.07 -19.66 -8.28
N LYS A 299 9.45 -20.78 -8.63
CA LYS A 299 9.60 -21.36 -9.97
C LYS A 299 8.39 -21.07 -10.79
N VAL A 300 8.62 -20.60 -12.01
CA VAL A 300 7.56 -20.29 -12.94
C VAL A 300 7.43 -21.41 -13.93
N ASN A 301 6.28 -22.02 -14.08
CA ASN A 301 5.99 -23.11 -15.02
C ASN A 301 5.20 -22.66 -16.22
N ARG A 302 4.45 -21.55 -16.16
CA ARG A 302 3.58 -21.15 -17.21
C ARG A 302 3.32 -19.62 -17.10
N ILE A 303 3.21 -18.98 -18.24
CA ILE A 303 2.71 -17.57 -18.30
C ILE A 303 1.45 -17.54 -19.14
N THR A 304 0.42 -16.91 -18.66
CA THR A 304 -0.73 -16.61 -19.50
C THR A 304 -0.93 -15.09 -19.53
N TYR A 305 -1.50 -14.54 -20.56
CA TYR A 305 -1.60 -13.08 -20.63
C TYR A 305 -2.60 -12.63 -21.63
N ARG A 306 -3.15 -11.43 -21.38
CA ARG A 306 -4.03 -10.72 -22.30
C ARG A 306 -3.25 -10.33 -23.56
N ASN A 307 -3.97 -10.23 -24.70
CA ASN A 307 -3.46 -9.48 -25.83
C ASN A 307 -3.08 -8.05 -25.33
N ASN A 308 -1.91 -7.60 -25.82
CA ASN A 308 -1.45 -6.26 -25.54
C ASN A 308 -1.35 -6.04 -23.98
N ALA A 309 -0.88 -7.03 -23.28
CA ALA A 309 -0.78 -7.01 -21.82
C ALA A 309 -0.06 -5.76 -21.30
N ILE A 310 -0.54 -5.29 -20.18
CA ILE A 310 0.04 -4.16 -19.47
C ILE A 310 0.50 -4.61 -18.07
N MET A 311 1.74 -4.37 -17.75
CA MET A 311 2.33 -4.62 -16.41
C MET A 311 2.28 -3.35 -15.60
N PRO A 312 1.61 -3.29 -14.45
CA PRO A 312 1.73 -2.12 -13.57
C PRO A 312 3.07 -2.16 -12.85
N MET A 313 3.62 -0.99 -12.53
CA MET A 313 4.90 -0.84 -11.86
C MET A 313 4.86 0.27 -10.87
N SER A 314 5.39 0.02 -9.67
CA SER A 314 5.64 1.06 -8.66
C SER A 314 7.10 1.42 -8.65
N SER A 315 7.42 2.66 -9.02
CA SER A 315 8.79 3.18 -8.93
C SER A 315 8.90 3.85 -7.58
N CYS A 316 9.16 3.06 -6.57
CA CYS A 316 8.99 3.47 -5.19
C CYS A 316 10.18 4.11 -4.62
N GLY A 317 10.00 4.92 -3.58
CA GLY A 317 11.11 5.55 -2.90
C GLY A 317 10.66 6.75 -2.08
N ARG A 318 11.28 7.89 -2.27
CA ARG A 318 10.86 9.13 -1.65
C ARG A 318 9.48 9.58 -2.13
N LEU A 319 8.85 10.48 -1.38
CA LEU A 319 7.45 10.81 -1.60
C LEU A 319 7.14 11.20 -3.05
N THR A 320 5.97 10.86 -3.61
CA THR A 320 4.91 10.04 -3.00
C THR A 320 4.53 8.95 -4.01
N ASP A 321 4.42 7.73 -3.51
CA ASP A 321 4.07 6.61 -4.40
C ASP A 321 3.16 5.66 -3.63
N GLU A 322 2.90 4.50 -4.25
CA GLU A 322 2.01 3.48 -3.74
C GLU A 322 2.41 2.99 -2.36
N THR A 323 3.71 2.99 -2.07
CA THR A 323 4.19 2.55 -0.80
C THR A 323 3.79 3.48 0.32
N HIS A 324 3.42 4.73 0.02
CA HIS A 324 2.92 5.69 0.99
C HIS A 324 1.42 5.70 0.95
N THR A 325 0.84 5.90 -0.25
CA THR A 325 -0.57 6.10 -0.35
C THR A 325 -1.37 4.88 0.00
N MET A 326 -0.89 3.70 -0.31
CA MET A 326 -1.59 2.46 -0.08
C MET A 326 -1.07 1.77 1.16
N ILE A 327 0.23 1.51 1.28
CA ILE A 327 0.67 0.76 2.43
C ILE A 327 0.36 1.47 3.72
N GLY A 328 0.77 2.75 3.81
CA GLY A 328 0.59 3.50 5.03
C GLY A 328 -0.87 3.70 5.37
N SER A 329 -1.66 4.13 4.36
CA SER A 329 -3.04 4.51 4.64
C SER A 329 -3.88 3.30 5.02
N LEU A 330 -3.64 2.17 4.32
CA LEU A 330 -4.44 0.99 4.57
C LEU A 330 -4.08 0.35 5.91
N ALA A 331 -2.79 0.40 6.30
CA ALA A 331 -2.42 -0.03 7.66
C ALA A 331 -3.09 0.83 8.68
N ALA A 332 -3.07 2.18 8.47
CA ALA A 332 -3.73 3.06 9.39
C ALA A 332 -5.23 2.74 9.53
N ALA A 333 -5.90 2.44 8.41
CA ALA A 333 -7.31 2.07 8.45
C ALA A 333 -7.53 0.86 9.37
N GLU A 334 -6.73 -0.18 9.16
CA GLU A 334 -6.85 -1.39 9.97
C GLU A 334 -6.56 -1.10 11.41
N ILE A 335 -5.57 -0.23 11.72
CA ILE A 335 -5.27 0.16 13.08
C ILE A 335 -6.46 0.90 13.72
N ARG A 336 -7.11 1.78 12.98
CA ARG A 336 -8.32 2.46 13.50
C ARG A 336 -9.32 1.46 13.98
N LYS A 337 -9.64 0.48 13.10
CA LYS A 337 -10.62 -0.54 13.48
C LYS A 337 -10.17 -1.36 14.66
N LEU A 338 -8.91 -1.80 14.66
CA LEU A 338 -8.38 -2.57 15.76
C LEU A 338 -8.53 -1.82 17.07
N CYS A 339 -8.22 -0.52 17.08
CA CYS A 339 -8.35 0.22 18.29
C CYS A 339 -9.82 0.26 18.76
N GLN A 340 -10.74 0.49 17.85
CA GLN A 340 -12.15 0.54 18.20
C GLN A 340 -12.64 -0.80 18.72
N GLN A 341 -12.18 -1.91 18.16
CA GLN A 341 -12.57 -3.19 18.60
C GLN A 341 -12.01 -3.54 19.97
N ASN A 342 -10.97 -2.87 20.43
CA ASN A 342 -10.42 -2.96 21.72
C ASN A 342 -10.96 -1.91 22.67
N ASP A 343 -12.04 -1.26 22.32
CA ASP A 343 -12.68 -0.33 23.17
C ASP A 343 -11.89 0.95 23.43
N LEU A 344 -10.99 1.29 22.50
CA LEU A 344 -10.25 2.52 22.63
C LEU A 344 -11.03 3.62 21.86
N PRO A 345 -11.02 4.85 22.34
CA PRO A 345 -11.89 5.94 21.79
C PRO A 345 -11.15 6.61 20.60
N ILE A 346 -10.86 5.86 19.57
CA ILE A 346 -10.18 6.37 18.37
C ILE A 346 -11.17 6.58 17.31
N THR A 347 -11.24 7.74 16.68
CA THR A 347 -12.18 8.02 15.62
C THR A 347 -11.55 7.90 14.22
N ASP A 348 -10.24 8.16 14.10
CA ASP A 348 -9.57 8.26 12.80
C ASP A 348 -8.14 7.92 13.00
N ALA A 349 -7.51 7.42 11.95
CA ALA A 349 -6.08 7.12 11.92
C ALA A 349 -5.54 7.37 10.53
N PHE A 350 -4.31 7.89 10.46
CA PHE A 350 -3.67 8.10 9.16
C PHE A 350 -2.18 8.05 9.40
N ALA A 351 -1.43 7.57 8.41
CA ALA A 351 0.07 7.57 8.49
C ALA A 351 0.56 8.77 7.77
N PRO A 352 1.08 9.81 8.45
CA PRO A 352 1.49 11.01 7.74
C PRO A 352 2.55 10.72 6.72
N PHE A 353 2.40 11.31 5.54
CA PHE A 353 3.42 11.13 4.51
C PHE A 353 4.73 11.72 4.97
N GLU A 354 4.68 12.81 5.75
CA GLU A 354 5.88 13.48 6.22
C GLU A 354 6.74 12.59 7.08
N SER A 355 6.14 11.53 7.67
CA SER A 355 6.88 10.54 8.47
C SER A 355 7.38 9.38 7.65
N GLN A 356 7.28 9.46 6.32
CA GLN A 356 7.59 8.31 5.47
C GLN A 356 6.75 7.12 5.86
N VAL A 357 5.49 7.41 6.26
CA VAL A 357 4.49 6.42 6.75
C VAL A 357 5.06 5.52 7.82
N THR A 358 5.96 6.01 8.67
CA THR A 358 6.42 5.30 9.84
C THR A 358 5.67 5.69 11.11
N TRP A 359 4.92 6.77 11.06
CA TRP A 359 4.04 7.16 12.17
C TRP A 359 2.60 6.91 11.78
N VAL A 360 1.75 6.69 12.79
CA VAL A 360 0.30 6.83 12.61
C VAL A 360 -0.19 7.77 13.68
N ALA A 361 -0.98 8.75 13.23
CA ALA A 361 -1.70 9.68 14.11
C ALA A 361 -3.07 9.11 14.37
N LEU A 362 -3.41 9.06 15.66
CA LEU A 362 -4.70 8.51 16.13
C LEU A 362 -5.50 9.64 16.74
N ARG A 363 -6.63 9.98 16.13
CA ARG A 363 -7.54 11.01 16.65
C ARG A 363 -8.44 10.43 17.72
N VAL A 364 -8.43 11.04 18.89
CA VAL A 364 -9.17 10.57 20.05
C VAL A 364 -10.41 11.35 20.25
N ASP A 365 -11.51 10.59 20.52
CA ASP A 365 -12.78 11.21 20.98
C ASP A 365 -12.59 11.50 22.46
N THR A 366 -12.28 12.79 22.73
CA THR A 366 -11.84 13.12 24.05
C THR A 366 -13.05 13.18 25.05
N GLU A 367 -14.27 13.30 24.58
CA GLU A 367 -15.39 13.12 25.52
C GLU A 367 -15.37 11.71 26.06
N LYS A 368 -15.19 10.71 25.20
CA LYS A 368 -15.08 9.32 25.68
C LYS A 368 -13.87 9.16 26.54
N LEU A 369 -12.71 9.78 26.13
CA LEU A 369 -11.52 9.68 26.97
C LEU A 369 -11.79 10.19 28.40
N ARG A 370 -12.44 11.36 28.49
CA ARG A 370 -12.72 11.92 29.82
C ARG A 370 -13.49 10.97 30.66
N ALA A 371 -14.43 10.24 30.08
CA ALA A 371 -15.24 9.34 30.87
C ALA A 371 -14.45 8.14 31.35
N MET A 372 -13.33 7.78 30.72
CA MET A 372 -12.50 6.72 31.17
C MET A 372 -11.77 7.08 32.44
N LYS A 373 -11.59 8.35 32.77
CA LYS A 373 -10.94 8.73 33.97
C LYS A 373 -9.58 8.12 34.13
N THR A 374 -8.71 8.32 33.13
CA THR A 374 -7.40 7.68 33.08
C THR A 374 -6.35 8.77 32.99
N THR A 375 -5.11 8.31 32.72
CA THR A 375 -3.96 9.20 32.64
C THR A 375 -3.18 8.92 31.38
N SER A 376 -2.28 9.84 31.02
CA SER A 376 -1.46 9.64 29.82
C SER A 376 -0.66 8.36 29.88
N GLU A 377 0.06 8.10 30.97
N GLU A 377 0.03 8.08 30.97
CA GLU A 377 0.91 6.91 31.05
CA GLU A 377 0.88 6.94 30.95
C GLU A 377 0.03 5.67 30.78
C GLU A 377 0.12 5.63 30.85
N GLY A 378 -1.09 5.60 31.52
CA GLY A 378 -1.90 4.40 31.35
C GLY A 378 -2.45 4.25 29.94
N PHE A 379 -2.95 5.37 29.38
CA PHE A 379 -3.59 5.29 28.06
C PHE A 379 -2.53 4.99 26.97
N ARG A 380 -1.38 5.63 27.07
CA ARG A 380 -0.32 5.28 26.09
C ARG A 380 0.07 3.85 26.10
N LYS A 381 0.20 3.26 27.29
CA LYS A 381 0.54 1.87 27.41
C LYS A 381 -0.54 1.02 26.79
N ARG A 382 -1.81 1.32 27.07
CA ARG A 382 -2.90 0.52 26.57
C ARG A 382 -2.91 0.55 25.03
N VAL A 383 -2.78 1.74 24.45
CA VAL A 383 -2.83 1.88 22.98
C VAL A 383 -1.63 1.15 22.37
N GLY A 384 -0.45 1.36 22.91
CA GLY A 384 0.70 0.73 22.31
C GLY A 384 0.66 -0.80 22.43
N ASP A 385 0.15 -1.29 23.55
CA ASP A 385 0.03 -2.76 23.71
C ASP A 385 -0.93 -3.29 22.63
N VAL A 386 -2.03 -2.65 22.38
CA VAL A 386 -2.95 -3.16 21.37
C VAL A 386 -2.28 -3.11 20.00
N VAL A 387 -1.74 -1.98 19.59
CA VAL A 387 -1.31 -1.79 18.21
C VAL A 387 0.03 -2.50 17.91
N PHE A 388 1.00 -2.34 18.82
CA PHE A 388 2.33 -2.86 18.52
C PHE A 388 2.42 -4.37 18.74
N ASN A 389 1.45 -5.00 19.30
CA ASN A 389 1.37 -6.48 19.41
C ASN A 389 0.54 -7.07 18.31
N HIS A 390 0.09 -6.31 17.32
CA HIS A 390 -0.75 -6.81 16.24
C HIS A 390 -0.04 -6.62 14.90
N LYS A 391 -0.30 -7.51 13.97
CA LYS A 391 0.25 -7.38 12.65
C LYS A 391 -0.04 -6.04 11.98
N ALA A 392 -1.22 -5.48 12.21
CA ALA A 392 -1.54 -4.20 11.56
C ALA A 392 -0.59 -3.08 11.99
N GLY A 393 0.00 -3.19 13.18
CA GLY A 393 0.98 -2.25 13.63
C GLY A 393 2.40 -2.51 13.24
N TYR A 394 2.69 -3.57 12.50
CA TYR A 394 4.05 -3.99 12.24
C TYR A 394 4.93 -2.88 11.65
N THR A 395 4.47 -2.19 10.63
CA THR A 395 5.31 -1.21 9.95
C THR A 395 5.45 0.11 10.67
N ILE A 396 4.62 0.32 11.71
CA ILE A 396 4.51 1.63 12.35
C ILE A 396 5.33 1.65 13.62
N HIS A 397 6.25 2.64 13.69
CA HIS A 397 7.14 2.77 14.83
C HIS A 397 6.78 3.90 15.77
N ARG A 398 5.94 4.85 15.40
CA ARG A 398 5.53 5.91 16.33
C ARG A 398 4.03 6.13 16.16
N LEU A 399 3.31 6.03 17.27
CA LEU A 399 1.92 6.43 17.32
C LEU A 399 1.82 7.79 17.95
N VAL A 400 1.06 8.70 17.37
CA VAL A 400 0.88 10.03 17.90
C VAL A 400 -0.57 10.19 18.27
N LEU A 401 -0.90 10.34 19.56
CA LEU A 401 -2.26 10.50 20.03
C LEU A 401 -2.57 11.99 19.97
N VAL A 402 -3.71 12.34 19.34
CA VAL A 402 -4.12 13.74 19.22
C VAL A 402 -5.60 13.89 19.55
N GLY A 403 -6.00 15.04 20.02
CA GLY A 403 -7.39 15.31 20.31
C GLY A 403 -8.21 15.72 19.12
N ASP A 404 -9.49 15.99 19.42
CA ASP A 404 -10.48 16.18 18.38
C ASP A 404 -10.32 17.34 17.53
N ASP A 405 -9.50 18.33 17.90
CA ASP A 405 -9.30 19.47 17.04
C ASP A 405 -8.36 19.17 15.90
N ILE A 406 -7.63 18.09 15.89
CA ILE A 406 -6.66 17.78 14.89
C ILE A 406 -7.22 16.89 13.79
N ASP A 407 -7.04 17.28 12.55
CA ASP A 407 -7.36 16.43 11.36
C ASP A 407 -6.16 15.60 11.03
N VAL A 408 -6.22 14.31 11.36
CA VAL A 408 -5.07 13.46 11.17
C VAL A 408 -4.73 13.22 9.71
N TYR A 409 -5.62 13.54 8.80
CA TYR A 409 -5.35 13.42 7.41
C TYR A 409 -4.55 14.57 6.87
N GLU A 410 -4.26 15.59 7.71
CA GLU A 410 -3.50 16.77 7.35
C GLU A 410 -2.19 16.74 8.09
N GLY A 411 -1.10 16.41 7.42
CA GLY A 411 0.20 16.27 8.06
C GLY A 411 0.65 17.52 8.78
N LYS A 412 0.34 18.72 8.26
N LYS A 412 0.34 18.70 8.25
CA LYS A 412 0.74 19.95 8.92
CA LYS A 412 0.81 19.89 8.91
C LYS A 412 0.13 20.04 10.30
C LYS A 412 0.16 20.01 10.28
N ASP A 413 -1.11 19.59 10.44
CA ASP A 413 -1.75 19.66 11.74
C ASP A 413 -1.22 18.62 12.71
N VAL A 414 -0.90 17.42 12.22
CA VAL A 414 -0.25 16.41 13.02
C VAL A 414 1.10 16.90 13.56
N LEU A 415 1.87 17.54 12.66
N LEU A 415 1.91 17.49 12.65
CA LEU A 415 3.18 18.02 13.06
CA LEU A 415 3.23 17.97 13.10
C LEU A 415 3.06 19.12 14.07
C LEU A 415 3.07 19.12 14.08
N TRP A 416 2.11 20.00 13.90
CA TRP A 416 1.86 21.07 14.87
C TRP A 416 1.53 20.49 16.24
N ALA A 417 0.60 19.54 16.28
CA ALA A 417 0.24 18.93 17.56
C ALA A 417 1.40 18.19 18.17
N PHE A 418 2.11 17.36 17.42
CA PHE A 418 3.24 16.60 17.95
C PHE A 418 4.31 17.49 18.55
N SER A 419 4.64 18.58 17.83
N SER A 419 4.65 18.58 17.83
CA SER A 419 5.71 19.45 18.23
CA SER A 419 5.75 19.39 18.24
C SER A 419 5.41 20.33 19.39
C SER A 419 5.42 20.29 19.40
N THR A 420 4.14 20.56 19.67
CA THR A 420 3.74 21.49 20.70
C THR A 420 3.03 20.92 21.91
N ARG A 421 2.53 19.67 21.79
CA ARG A 421 1.71 19.04 22.85
C ARG A 421 2.33 17.83 23.47
N CYS A 422 3.40 17.25 22.89
CA CYS A 422 4.02 16.06 23.42
C CYS A 422 5.43 16.42 23.97
N ARG A 423 5.55 16.41 25.30
CA ARG A 423 6.87 16.67 25.92
C ARG A 423 7.77 15.48 25.69
N PRO A 424 8.92 15.67 25.03
CA PRO A 424 9.84 14.55 24.79
C PRO A 424 10.13 13.80 26.08
N GLY A 425 10.11 12.48 26.04
CA GLY A 425 10.39 11.66 27.23
C GLY A 425 9.18 11.48 28.08
N MET A 426 8.83 12.47 28.83
CA MET A 426 7.76 12.38 29.79
C MET A 426 6.42 11.96 29.19
N ASP A 427 6.11 12.47 28.03
CA ASP A 427 4.80 12.19 27.39
C ASP A 427 4.88 11.03 26.40
N GLU A 428 5.90 10.21 26.52
CA GLU A 428 6.11 9.11 25.60
C GLU A 428 6.34 7.83 26.34
N THR A 429 5.99 6.71 25.70
CA THR A 429 6.32 5.38 26.22
C THR A 429 7.01 4.62 25.14
N LEU A 430 8.22 4.14 25.39
CA LEU A 430 9.02 3.37 24.49
C LEU A 430 8.64 1.88 24.63
N PHE A 431 8.67 1.17 23.52
CA PHE A 431 8.36 -0.25 23.47
C PHE A 431 9.51 -0.96 22.81
N GLU A 432 10.32 -1.69 23.61
CA GLU A 432 11.46 -2.39 23.09
C GLU A 432 11.18 -3.87 22.89
N ASP A 433 10.11 -4.40 23.43
CA ASP A 433 9.84 -5.83 23.39
C ASP A 433 8.65 -6.12 22.50
N VAL A 434 8.63 -5.54 21.32
CA VAL A 434 7.65 -5.74 20.27
C VAL A 434 8.38 -6.01 18.98
N ARG A 435 7.68 -6.58 18.01
CA ARG A 435 8.32 -6.80 16.70
C ARG A 435 8.58 -5.44 16.04
N GLY A 436 9.77 -5.29 15.51
CA GLY A 436 10.19 -4.13 14.76
C GLY A 436 10.19 -4.36 13.29
N PHE A 437 10.11 -3.30 12.48
CA PHE A 437 10.10 -3.42 11.03
C PHE A 437 11.50 -3.23 10.52
N PRO A 438 12.18 -4.29 10.08
CA PRO A 438 13.62 -4.19 9.79
C PRO A 438 13.95 -3.35 8.60
N LEU A 439 13.02 -3.09 7.69
N LEU A 439 13.02 -3.09 7.73
CA LEU A 439 13.18 -2.29 6.47
CA LEU A 439 13.28 -2.40 6.54
C LEU A 439 13.47 -0.83 6.73
C LEU A 439 13.48 -0.89 6.75
N ILE A 440 13.04 -0.33 7.89
CA ILE A 440 13.34 1.08 8.17
C ILE A 440 14.84 1.20 8.38
N PRO A 441 15.52 2.21 7.79
CA PRO A 441 16.98 2.24 7.92
C PRO A 441 17.51 2.20 9.33
N TYR A 442 16.84 2.91 10.28
CA TYR A 442 17.33 2.90 11.65
C TYR A 442 17.11 1.57 12.36
N MET A 443 16.41 0.62 11.75
CA MET A 443 16.22 -0.73 12.27
C MET A 443 17.31 -1.62 11.66
N GLY A 444 17.12 -2.09 10.43
CA GLY A 444 18.04 -3.04 9.83
C GLY A 444 19.42 -2.53 9.57
N HIS A 445 19.62 -1.23 9.36
CA HIS A 445 20.92 -0.64 9.18
C HIS A 445 21.30 0.26 10.35
N GLY A 446 20.67 0.06 11.52
CA GLY A 446 20.84 0.94 12.68
C GLY A 446 21.68 0.37 13.76
N ASN A 447 21.55 0.94 14.93
CA ASN A 447 22.37 0.64 16.10
C ASN A 447 21.87 -0.45 16.97
N GLY A 448 20.67 -0.95 16.78
CA GLY A 448 20.08 -1.92 17.63
C GLY A 448 19.56 -3.14 16.82
N PRO A 449 18.84 -4.01 17.56
CA PRO A 449 18.30 -5.22 16.94
C PRO A 449 17.39 -4.86 15.75
N ALA A 450 17.58 -5.53 14.61
CA ALA A 450 16.83 -5.19 13.45
C ALA A 450 15.37 -5.51 13.58
N HIS A 451 15.00 -6.53 14.36
CA HIS A 451 13.70 -7.11 14.40
C HIS A 451 12.90 -6.83 15.62
N ARG A 452 13.45 -6.06 16.56
CA ARG A 452 12.76 -5.90 17.85
C ARG A 452 12.92 -4.47 18.31
N GLY A 453 11.84 -3.95 18.80
CA GLY A 453 11.84 -2.64 19.50
C GLY A 453 11.86 -1.46 18.60
N GLY A 454 12.31 -0.32 19.18
CA GLY A 454 12.37 0.92 18.43
C GLY A 454 11.07 1.58 18.20
N LYS A 455 10.06 1.28 19.04
CA LYS A 455 8.70 1.83 18.88
C LYS A 455 8.36 2.76 20.03
N VAL A 456 7.44 3.66 19.80
CA VAL A 456 7.06 4.67 20.81
C VAL A 456 5.64 5.08 20.63
N VAL A 457 4.93 5.34 21.72
CA VAL A 457 3.68 6.09 21.72
C VAL A 457 3.96 7.46 22.24
N SER A 458 3.66 8.49 21.45
CA SER A 458 3.82 9.87 21.77
C SER A 458 2.48 10.50 22.02
N ASP A 459 2.24 10.93 23.26
CA ASP A 459 0.95 11.49 23.62
C ASP A 459 0.91 12.99 23.39
N ALA A 460 0.24 13.42 22.33
CA ALA A 460 0.01 14.83 22.02
C ALA A 460 -1.36 15.29 22.50
N LEU A 461 -1.99 14.58 23.42
CA LEU A 461 -3.13 15.09 24.18
C LEU A 461 -2.62 15.96 25.29
N MET A 462 -3.27 17.10 25.48
CA MET A 462 -2.94 17.98 26.59
C MET A 462 -3.60 17.54 27.88
N PRO A 463 -3.07 17.93 29.03
CA PRO A 463 -3.59 17.37 30.29
C PRO A 463 -5.08 17.52 30.49
N THR A 464 -5.64 18.66 30.19
CA THR A 464 -7.10 18.83 30.45
C THR A 464 -7.89 17.99 29.51
N GLU A 465 -7.35 17.46 28.41
CA GLU A 465 -8.16 16.63 27.57
C GLU A 465 -8.56 15.32 28.26
N TYR A 466 -7.84 14.93 29.30
CA TYR A 466 -8.20 13.76 30.12
C TYR A 466 -9.19 14.08 31.21
N THR A 467 -9.41 15.33 31.52
CA THR A 467 -10.16 15.77 32.73
C THR A 467 -11.37 16.60 32.39
N THR A 468 -11.17 17.86 32.12
CA THR A 468 -12.29 18.78 31.97
C THR A 468 -12.53 19.33 30.56
N GLY A 469 -11.57 19.13 29.66
CA GLY A 469 -11.74 19.57 28.31
C GLY A 469 -10.63 20.52 27.85
N ARG A 470 -10.51 20.67 26.58
CA ARG A 470 -9.57 21.63 25.94
C ARG A 470 -9.70 22.99 26.58
N ASN A 471 -8.55 23.61 26.91
CA ASN A 471 -8.48 24.89 27.62
C ASN A 471 -7.67 25.95 26.84
N TRP A 472 -7.54 25.78 25.55
CA TRP A 472 -6.93 26.73 24.65
C TRP A 472 -7.79 27.03 23.46
N GLU A 473 -7.41 28.10 22.74
CA GLU A 473 -7.82 28.35 21.44
C GLU A 473 -6.62 28.51 20.55
N ALA A 474 -6.63 28.09 19.29
CA ALA A 474 -5.48 28.30 18.45
C ALA A 474 -5.33 29.78 18.17
N ALA A 475 -4.05 30.19 18.07
CA ALA A 475 -3.66 31.53 17.61
C ALA A 475 -3.58 31.51 16.09
N ASP A 476 -4.77 31.34 15.47
CA ASP A 476 -4.88 31.27 14.02
C ASP A 476 -6.07 32.10 13.60
N PHE A 477 -6.16 32.30 12.27
CA PHE A 477 -7.30 33.08 11.80
C PHE A 477 -8.62 32.46 12.15
N ASN A 478 -8.70 31.10 12.09
CA ASN A 478 -9.95 30.41 12.34
C ASN A 478 -10.46 30.59 13.78
N GLN A 479 -9.58 30.48 14.77
CA GLN A 479 -10.02 30.36 16.14
C GLN A 479 -9.79 31.62 16.95
N SER A 480 -9.05 32.61 16.46
N SER A 480 -8.97 32.59 16.54
CA SER A 480 -8.71 33.76 17.28
CA SER A 480 -8.72 33.80 17.40
C SER A 480 -9.50 34.99 16.92
C SER A 480 -9.58 35.02 17.03
N TYR A 481 -10.52 34.84 16.11
CA TYR A 481 -11.34 36.00 15.64
C TYR A 481 -12.79 35.56 15.54
N PRO A 482 -13.76 36.38 15.85
CA PRO A 482 -15.17 35.99 15.73
C PRO A 482 -15.55 35.78 14.31
N GLU A 483 -16.66 34.99 14.14
CA GLU A 483 -17.17 34.68 12.86
C GLU A 483 -17.48 35.84 11.95
N ASP A 484 -18.15 36.84 12.51
N ASP A 484 -18.16 36.83 12.50
CA ASP A 484 -18.55 37.95 11.66
CA ASP A 484 -18.57 37.92 11.66
C ASP A 484 -17.35 38.78 11.16
C ASP A 484 -17.31 38.65 11.06
N LEU A 485 -16.30 38.84 11.93
CA LEU A 485 -15.08 39.50 11.50
C LEU A 485 -14.34 38.72 10.45
N LYS A 486 -14.24 37.41 10.69
CA LYS A 486 -13.55 36.54 9.70
C LYS A 486 -14.23 36.77 8.30
N GLN A 487 -15.56 36.68 8.34
CA GLN A 487 -16.31 36.78 7.10
C GLN A 487 -16.13 38.17 6.38
N LYS A 488 -16.09 39.19 7.20
CA LYS A 488 -15.82 40.52 6.68
C LYS A 488 -14.48 40.61 6.00
N VAL A 489 -13.44 40.09 6.69
CA VAL A 489 -12.11 40.05 6.15
C VAL A 489 -12.04 39.32 4.78
N LEU A 490 -12.68 38.13 4.78
CA LEU A 490 -12.75 37.36 3.56
C LEU A 490 -13.49 38.10 2.42
N ASP A 491 -14.62 38.71 2.79
CA ASP A 491 -15.42 39.34 1.76
C ASP A 491 -14.71 40.57 1.21
N ASN A 492 -13.82 41.23 2.02
CA ASN A 492 -13.09 42.44 1.54
C ASN A 492 -11.71 42.16 1.06
N TRP A 493 -11.26 40.91 1.04
CA TRP A 493 -9.84 40.53 0.79
C TRP A 493 -9.33 41.07 -0.53
N THR A 494 -10.05 40.77 -1.61
CA THR A 494 -9.53 41.15 -2.95
C THR A 494 -9.73 42.65 -3.08
N LYS A 495 -10.80 43.25 -2.56
CA LYS A 495 -11.14 44.70 -2.51
C LYS A 495 -9.98 45.48 -1.97
N MET A 496 -9.46 45.04 -0.82
CA MET A 496 -8.45 45.76 -0.07
C MET A 496 -7.22 45.73 -0.90
N GLY A 497 -6.89 44.69 -1.72
CA GLY A 497 -5.69 44.42 -2.57
C GLY A 497 -4.90 43.15 -2.42
N PHE A 498 -5.36 42.18 -1.65
CA PHE A 498 -4.66 40.92 -1.41
C PHE A 498 -4.98 39.88 -2.50
N SER A 499 -4.32 38.68 -2.55
CA SER A 499 -4.74 37.62 -3.54
C SER A 499 -5.65 36.57 -3.10
N HIS A 503 -8.45 28.74 -6.98
CA HIS A 503 -9.85 28.18 -7.08
C HIS A 503 -9.83 26.77 -6.57
N HIS A 504 -10.94 26.36 -5.97
CA HIS A 504 -10.95 25.09 -5.29
C HIS A 504 -10.64 24.06 -6.27
N HIS A 505 -11.04 23.97 -7.50
CA HIS A 505 -10.64 22.76 -8.44
C HIS A 505 -9.23 22.81 -9.13
N HIS A 506 -8.66 24.05 -9.24
CA HIS A 506 -7.34 24.42 -9.79
#